data_5OCQ
#
_entry.id   5OCQ
#
_cell.length_a   62.608
_cell.length_b   67.364
_cell.length_c   158.399
_cell.angle_alpha   90.00
_cell.angle_beta   90.00
_cell.angle_gamma   90.00
#
_symmetry.space_group_name_H-M   'P 21 21 21'
#
loop_
_entity.id
_entity.type
_entity.pdbx_description
1 polymer Kappa-carrageenase
2 branched 3,6-anhydro-alpha-D-galactopyranose-(1-3)-4-O-sulfo-beta-D-galactopyranose-(1-4)-3,6-anhydro-alpha-D-galactopyranose-(1-3)-4-O-sulfo-beta-D-galactopyranose
3 non-polymer 'CITRIC ACID'
4 water water
#
_entity_poly.entity_id   1
_entity_poly.type   'polypeptide(L)'
_entity_poly.pdbx_seq_one_letter_code
;MASMQPPIAKPGETWILQAKRSDEFNVKDATKWNFQTENYGVWSWKNENATVSNGKLKLTTKRESHQRTFWDGCNQQQVA
NYPLYYTSGVAKSRATGNYGYYEARIKGASTFPGVSPAFWMYSTIDRSLTKEGDVQYSEIDVVDLTQKSAVRESDHDLHN
IVVKNGKPTWMRPGSFPQTNHNGYHLPFDPRNDFHTYGVNVTKDKITWYVDGEIVGEKDNLYWHRQMNLTLSQGLRAPHT
QWKCNQFYPSANKSAEGFPTSMEVDYVRTWVKVGNNNLEHHHHHH
;
_entity_poly.pdbx_strand_id   A,B
#
loop_
_chem_comp.id
_chem_comp.type
_chem_comp.name
_chem_comp.formula
9RN D-saccharide, alpha linking 3,6-anhydro-alpha-D-galactopyranose 'C6 H10 O5'
CIT non-polymer 'CITRIC ACID' 'C6 H8 O7'
G4S D-saccharide, beta linking 4-O-sulfo-beta-D-galactopyranose 'C6 H12 O9 S'
#
# COMPACT_ATOMS: atom_id res chain seq x y z
N SER A 3 -9.51 -13.30 -26.72
CA SER A 3 -9.37 -14.77 -27.01
C SER A 3 -8.55 -15.58 -26.00
N MET A 4 -7.50 -15.01 -25.39
CA MET A 4 -6.82 -15.81 -24.35
C MET A 4 -7.66 -15.54 -23.09
N GLN A 5 -8.45 -16.56 -22.84
CA GLN A 5 -9.07 -16.72 -21.54
C GLN A 5 -8.26 -17.85 -20.99
N PRO A 6 -8.12 -17.92 -19.68
CA PRO A 6 -7.45 -19.08 -19.02
C PRO A 6 -8.27 -20.36 -19.14
N PRO A 7 -7.63 -21.50 -18.94
CA PRO A 7 -8.35 -22.79 -19.10
C PRO A 7 -9.43 -23.00 -18.10
N ILE A 8 -9.44 -22.28 -17.00
CA ILE A 8 -10.49 -22.46 -16.02
C ILE A 8 -11.69 -21.53 -16.19
N ALA A 9 -11.66 -20.69 -17.26
CA ALA A 9 -12.75 -19.72 -17.40
C ALA A 9 -14.11 -20.47 -17.64
N LYS A 10 -15.10 -19.94 -16.98
CA LYS A 10 -16.51 -20.37 -17.09
C LYS A 10 -17.29 -19.47 -18.01
N PRO A 11 -18.44 -19.97 -18.54
CA PRO A 11 -19.14 -19.04 -19.48
C PRO A 11 -19.68 -17.86 -18.71
N GLY A 12 -19.65 -16.67 -19.32
CA GLY A 12 -20.08 -15.52 -18.59
C GLY A 12 -18.97 -14.67 -17.94
N GLU A 13 -17.78 -15.26 -17.83
CA GLU A 13 -16.64 -14.56 -17.21
C GLU A 13 -15.85 -13.84 -18.28
N THR A 14 -15.27 -12.70 -17.91
CA THR A 14 -14.15 -12.12 -18.72
C THR A 14 -12.90 -11.98 -17.87
N TRP A 15 -11.81 -12.41 -18.45
CA TRP A 15 -10.51 -12.39 -17.81
C TRP A 15 -9.55 -11.55 -18.69
N ILE A 16 -8.64 -10.82 -18.07
CA ILE A 16 -7.73 -9.93 -18.82
C ILE A 16 -6.27 -10.37 -18.56
N LEU A 17 -5.52 -10.60 -19.64
CA LEU A 17 -4.11 -10.99 -19.52
C LEU A 17 -3.35 -9.85 -18.87
N GLN A 18 -2.50 -10.22 -17.92
CA GLN A 18 -1.64 -9.29 -17.16
C GLN A 18 -0.30 -9.28 -17.97
N ALA A 19 -0.14 -8.30 -18.85
CA ALA A 19 1.05 -8.35 -19.73
C ALA A 19 2.35 -8.28 -18.97
N LYS A 20 2.37 -7.56 -17.84
CA LYS A 20 3.64 -7.40 -17.06
C LYS A 20 4.07 -8.65 -16.29
N ARG A 21 3.19 -9.69 -16.27
CA ARG A 21 3.48 -10.96 -15.61
C ARG A 21 3.21 -12.12 -16.55
N SER A 22 3.34 -11.88 -17.86
CA SER A 22 3.18 -12.89 -18.87
C SER A 22 4.26 -12.74 -19.92
N ASP A 23 4.70 -13.86 -20.48
CA ASP A 23 5.71 -13.83 -21.60
C ASP A 23 5.67 -15.14 -22.34
N GLU A 24 5.79 -15.06 -23.67
CA GLU A 24 5.92 -16.24 -24.53
C GLU A 24 7.39 -16.60 -24.83
N PHE A 25 8.33 -15.77 -24.37
CA PHE A 25 9.75 -16.10 -24.40
C PHE A 25 10.28 -16.18 -25.86
N ASN A 26 9.81 -15.25 -26.67
CA ASN A 26 10.48 -14.92 -27.97
C ASN A 26 11.71 -14.11 -27.80
N VAL A 27 11.80 -13.26 -26.78
CA VAL A 27 12.97 -12.39 -26.48
C VAL A 27 13.32 -12.49 -24.99
N LYS A 28 14.52 -12.01 -24.59
CA LYS A 28 14.94 -11.95 -23.20
C LYS A 28 14.69 -10.50 -22.68
N ASP A 29 13.59 -10.26 -21.99
CA ASP A 29 13.09 -8.88 -21.72
C ASP A 29 13.45 -8.46 -20.30
N ALA A 30 14.60 -7.78 -20.16
CA ALA A 30 15.10 -7.35 -18.85
C ALA A 30 14.37 -6.14 -18.26
N THR A 31 13.45 -5.51 -19.00
CA THR A 31 12.59 -4.49 -18.42
C THR A 31 11.52 -5.21 -17.59
N LYS A 32 10.90 -6.23 -18.20
CA LYS A 32 9.80 -6.99 -17.55
C LYS A 32 10.33 -7.89 -16.46
N TRP A 33 11.48 -8.54 -16.65
CA TRP A 33 12.01 -9.58 -15.75
C TRP A 33 13.34 -9.11 -15.12
N ASN A 34 13.52 -9.37 -13.83
CA ASN A 34 14.78 -9.22 -13.18
C ASN A 34 15.46 -10.62 -13.22
N PHE A 35 16.46 -10.76 -14.08
CA PHE A 35 17.19 -12.00 -14.30
C PHE A 35 18.39 -12.19 -13.35
N GLN A 36 18.55 -11.30 -12.39
CA GLN A 36 19.69 -11.35 -11.47
C GLN A 36 19.33 -10.57 -10.25
N THR A 37 18.60 -11.23 -9.34
CA THR A 37 17.96 -10.61 -8.20
C THR A 37 18.90 -10.56 -6.94
N GLU A 38 18.37 -10.20 -5.79
CA GLU A 38 19.05 -10.42 -4.55
C GLU A 38 19.30 -11.92 -4.41
N ASN A 39 20.38 -12.29 -3.69
CA ASN A 39 20.80 -13.68 -3.51
C ASN A 39 20.34 -14.27 -2.19
N TYR A 40 20.14 -15.56 -2.25
CA TYR A 40 19.73 -16.38 -1.09
C TYR A 40 20.10 -17.84 -1.34
N GLY A 41 19.73 -18.74 -0.44
CA GLY A 41 20.16 -20.17 -0.58
C GLY A 41 21.69 -20.24 -0.51
N VAL A 42 22.23 -21.20 -1.26
CA VAL A 42 23.65 -21.48 -1.27
C VAL A 42 24.20 -21.42 -2.71
N TRP A 43 23.61 -20.56 -3.52
CA TRP A 43 24.03 -20.34 -4.91
C TRP A 43 23.96 -18.82 -5.16
N SER A 44 24.45 -18.38 -6.31
CA SER A 44 24.30 -16.94 -6.65
C SER A 44 23.65 -16.88 -8.03
N TRP A 45 22.82 -15.85 -8.29
CA TRP A 45 22.17 -15.70 -9.60
C TRP A 45 23.11 -15.03 -10.57
N LYS A 46 23.11 -15.50 -11.81
CA LYS A 46 23.77 -14.77 -12.91
C LYS A 46 22.82 -14.61 -14.08
N ASN A 47 22.79 -13.39 -14.66
CA ASN A 47 22.04 -13.10 -15.85
C ASN A 47 22.41 -14.05 -16.99
N GLU A 48 23.71 -14.45 -17.06
CA GLU A 48 24.22 -15.35 -18.13
C GLU A 48 23.59 -16.73 -18.04
N ASN A 49 23.05 -17.14 -16.86
CA ASN A 49 22.40 -18.44 -16.68
C ASN A 49 20.91 -18.47 -17.12
N ALA A 50 20.42 -17.33 -17.63
CA ALA A 50 19.04 -17.24 -18.18
C ALA A 50 19.19 -16.98 -19.68
N THR A 51 18.78 -17.89 -20.55
CA THR A 51 18.92 -17.70 -22.01
C THR A 51 17.55 -17.89 -22.68
N VAL A 52 17.32 -17.24 -23.81
CA VAL A 52 16.09 -17.41 -24.53
C VAL A 52 16.49 -17.82 -25.92
N SER A 53 15.91 -18.88 -26.40
CA SER A 53 16.27 -19.44 -27.78
C SER A 53 15.06 -20.24 -28.24
N ASN A 54 14.66 -20.11 -29.53
CA ASN A 54 13.63 -21.01 -30.08
C ASN A 54 12.34 -20.97 -29.29
N GLY A 55 12.00 -19.78 -28.80
CA GLY A 55 10.70 -19.58 -28.12
C GLY A 55 10.64 -20.19 -26.70
N LYS A 56 11.78 -20.49 -26.11
CA LYS A 56 11.86 -21.01 -24.70
C LYS A 56 12.86 -20.29 -23.84
N LEU A 57 12.47 -20.05 -22.58
CA LEU A 57 13.45 -19.65 -21.54
C LEU A 57 14.18 -20.86 -21.00
N LYS A 58 15.52 -20.81 -20.88
CA LYS A 58 16.29 -21.82 -20.21
C LYS A 58 16.97 -21.21 -18.99
N LEU A 59 16.80 -21.84 -17.82
CA LEU A 59 17.45 -21.42 -16.62
C LEU A 59 18.42 -22.55 -16.25
N THR A 60 19.71 -22.22 -16.08
CA THR A 60 20.76 -23.21 -15.98
C THR A 60 21.47 -23.14 -14.68
N THR A 61 21.72 -24.30 -14.03
CA THR A 61 22.56 -24.36 -12.81
C THR A 61 23.96 -24.92 -13.21
N LYS A 62 25.01 -24.30 -12.71
CA LYS A 62 26.43 -24.59 -13.07
C LYS A 62 27.18 -24.80 -11.80
N ARG A 63 28.16 -25.70 -11.84
CA ARG A 63 29.15 -25.82 -10.84
C ARG A 63 30.20 -24.73 -11.12
N GLU A 64 30.29 -23.70 -10.24
CA GLU A 64 31.17 -22.53 -10.40
C GLU A 64 31.58 -21.97 -9.04
N SER A 65 32.81 -22.24 -8.62
CA SER A 65 33.26 -21.78 -7.34
C SER A 65 33.32 -20.23 -7.30
N HIS A 66 32.83 -19.65 -6.21
CA HIS A 66 32.84 -18.16 -6.09
C HIS A 66 32.67 -17.87 -4.60
N GLN A 67 32.55 -16.63 -4.23
CA GLN A 67 32.23 -16.25 -2.90
C GLN A 67 31.35 -15.00 -2.89
N ARG A 68 30.58 -14.84 -1.84
CA ARG A 68 29.80 -13.64 -1.62
C ARG A 68 29.45 -13.53 -0.13
N THR A 69 28.80 -12.43 0.25
CA THR A 69 28.35 -12.35 1.61
C THR A 69 27.14 -13.26 1.84
N PHE A 70 27.10 -14.01 2.94
CA PHE A 70 26.12 -15.11 3.17
C PHE A 70 25.43 -14.91 4.54
N TRP A 71 24.10 -15.00 4.56
CA TRP A 71 23.39 -14.92 5.82
C TRP A 71 23.44 -16.31 6.56
N ASP A 72 24.01 -16.30 7.74
CA ASP A 72 24.12 -17.51 8.61
C ASP A 72 23.09 -17.34 9.76
N GLY A 73 21.89 -17.76 9.50
CA GLY A 73 20.78 -17.61 10.38
C GLY A 73 21.00 -18.33 11.76
N CYS A 74 21.73 -19.45 11.72
CA CYS A 74 22.04 -20.18 13.03
C CYS A 74 22.73 -19.29 14.07
N ASN A 75 23.67 -18.47 13.56
CA ASN A 75 24.43 -17.57 14.41
C ASN A 75 24.01 -16.11 14.21
N GLN A 76 22.90 -15.86 13.53
CA GLN A 76 22.32 -14.56 13.32
C GLN A 76 23.35 -13.55 12.79
N GLN A 77 24.15 -13.94 11.82
CA GLN A 77 25.23 -13.01 11.31
C GLN A 77 25.36 -13.11 9.78
N GLN A 78 25.65 -11.97 9.13
CA GLN A 78 26.21 -12.02 7.79
C GLN A 78 27.69 -12.41 7.81
N VAL A 79 28.12 -13.31 6.93
CA VAL A 79 29.43 -13.77 6.84
C VAL A 79 30.04 -13.30 5.53
N ALA A 80 31.05 -12.44 5.58
CA ALA A 80 31.71 -11.97 4.33
C ALA A 80 32.57 -13.04 3.68
N ASN A 81 32.75 -12.95 2.36
CA ASN A 81 33.67 -13.84 1.64
C ASN A 81 33.39 -15.33 1.84
N TYR A 82 32.13 -15.67 1.86
CA TYR A 82 31.69 -17.08 2.15
C TYR A 82 31.79 -17.87 0.85
N PRO A 83 32.52 -19.00 0.85
CA PRO A 83 32.68 -19.78 -0.39
C PRO A 83 31.41 -20.56 -0.73
N LEU A 84 31.04 -20.46 -1.99
CA LEU A 84 29.93 -21.22 -2.55
C LEU A 84 30.31 -21.89 -3.84
N TYR A 85 29.52 -22.86 -4.26
CA TYR A 85 29.97 -23.79 -5.28
C TYR A 85 29.12 -23.85 -6.54
N TYR A 86 27.92 -23.24 -6.58
CA TYR A 86 27.02 -23.34 -7.73
C TYR A 86 26.41 -21.96 -8.07
N THR A 87 26.21 -21.71 -9.33
CA THR A 87 25.48 -20.56 -9.76
C THR A 87 24.20 -21.03 -10.45
N SER A 88 23.17 -20.14 -10.57
CA SER A 88 21.95 -20.57 -11.18
C SER A 88 21.16 -19.43 -11.81
N GLY A 89 19.97 -19.70 -12.36
CA GLY A 89 19.23 -18.79 -13.15
C GLY A 89 17.83 -18.50 -12.52
N VAL A 90 17.42 -17.24 -12.70
CA VAL A 90 16.10 -16.77 -12.17
C VAL A 90 15.48 -15.77 -13.17
N ALA A 91 14.15 -15.68 -13.19
CA ALA A 91 13.42 -14.64 -13.82
C ALA A 91 12.31 -14.22 -12.82
N LYS A 92 12.46 -13.02 -12.26
CA LYS A 92 11.50 -12.47 -11.27
C LYS A 92 10.77 -11.31 -11.90
N SER A 93 9.44 -11.29 -11.91
CA SER A 93 8.74 -10.15 -12.48
C SER A 93 9.05 -8.89 -11.69
N ARG A 94 9.30 -7.78 -12.39
CA ARG A 94 9.44 -6.52 -11.68
C ARG A 94 8.11 -6.03 -11.14
N ALA A 95 7.04 -6.30 -11.83
CA ALA A 95 5.67 -5.95 -11.38
C ALA A 95 5.17 -6.97 -10.37
N THR A 96 4.19 -6.56 -9.53
CA THR A 96 3.62 -7.44 -8.54
C THR A 96 2.10 -7.53 -8.66
N GLY A 97 1.54 -8.54 -7.99
CA GLY A 97 0.02 -8.57 -7.79
C GLY A 97 -0.26 -9.67 -6.81
N ASN A 98 -1.51 -10.13 -6.82
CA ASN A 98 -1.92 -11.15 -5.81
C ASN A 98 -2.95 -12.08 -6.41
N TYR A 99 -4.21 -11.58 -6.57
CA TYR A 99 -5.27 -12.44 -7.12
C TYR A 99 -5.18 -12.61 -8.61
N GLY A 100 -5.44 -13.79 -9.10
CA GLY A 100 -5.39 -14.12 -10.53
C GLY A 100 -5.21 -15.57 -10.79
N TYR A 101 -5.24 -15.96 -12.02
CA TYR A 101 -4.90 -17.31 -12.45
C TYR A 101 -3.52 -17.23 -13.11
N TYR A 102 -2.60 -18.09 -12.70
CA TYR A 102 -1.20 -18.15 -13.13
C TYR A 102 -0.89 -19.48 -13.73
N GLU A 103 -0.20 -19.54 -14.88
CA GLU A 103 0.15 -20.82 -15.48
C GLU A 103 1.52 -20.75 -16.19
N ALA A 104 2.31 -21.78 -16.10
CA ALA A 104 3.54 -21.89 -16.87
C ALA A 104 3.68 -23.30 -17.41
N ARG A 105 4.31 -23.38 -18.58
CA ARG A 105 4.54 -24.67 -19.26
C ARG A 105 6.03 -24.96 -19.15
N ILE A 106 6.39 -25.98 -18.39
CA ILE A 106 7.70 -26.19 -17.90
C ILE A 106 8.17 -27.65 -18.12
N LYS A 107 9.45 -27.81 -18.55
CA LYS A 107 10.13 -29.08 -18.59
C LYS A 107 11.24 -29.07 -17.54
N GLY A 108 11.28 -30.06 -16.63
CA GLY A 108 12.30 -30.10 -15.60
C GLY A 108 13.72 -30.32 -16.12
N ALA A 109 14.69 -30.09 -15.24
CA ALA A 109 16.08 -30.35 -15.53
C ALA A 109 16.31 -31.88 -15.56
N SER A 110 17.21 -32.32 -16.42
CA SER A 110 17.51 -33.77 -16.50
C SER A 110 18.18 -34.37 -15.31
N THR A 111 19.05 -33.64 -14.61
CA THR A 111 19.75 -34.16 -13.41
C THR A 111 18.89 -34.31 -12.20
N PHE A 112 18.90 -35.53 -11.57
CA PHE A 112 18.14 -35.78 -10.33
C PHE A 112 18.89 -36.80 -9.52
N PRO A 113 19.07 -36.67 -8.22
CA PRO A 113 18.70 -35.51 -7.39
C PRO A 113 19.72 -34.39 -7.50
N GLY A 114 19.27 -33.22 -7.05
CA GLY A 114 20.22 -32.10 -6.81
C GLY A 114 19.73 -30.68 -7.19
N VAL A 115 18.74 -30.61 -8.07
CA VAL A 115 18.15 -29.31 -8.51
C VAL A 115 16.64 -29.34 -8.45
N SER A 116 16.04 -28.20 -8.19
CA SER A 116 14.61 -28.07 -8.13
C SER A 116 14.10 -26.87 -8.94
N PRO A 117 13.57 -27.13 -10.15
CA PRO A 117 12.82 -26.11 -10.89
C PRO A 117 11.60 -25.64 -10.09
N ALA A 118 11.38 -24.33 -10.04
CA ALA A 118 10.21 -23.84 -9.29
C ALA A 118 9.53 -22.71 -9.97
N PHE A 119 8.21 -22.59 -9.71
CA PHE A 119 7.40 -21.49 -10.25
C PHE A 119 6.60 -21.02 -9.05
N TRP A 120 6.76 -19.79 -8.64
CA TRP A 120 6.38 -19.31 -7.31
C TRP A 120 6.26 -17.79 -7.30
N MET A 121 5.72 -17.25 -6.21
CA MET A 121 5.57 -15.78 -6.11
C MET A 121 5.81 -15.40 -4.64
N TYR A 122 6.41 -14.22 -4.40
CA TYR A 122 6.76 -13.82 -3.01
C TYR A 122 6.77 -12.36 -2.83
N SER A 123 6.56 -11.90 -1.59
CA SER A 123 6.60 -10.49 -1.28
C SER A 123 7.87 -10.06 -0.59
N THR A 124 8.02 -8.74 -0.39
CA THR A 124 9.01 -8.25 0.60
C THR A 124 8.63 -8.79 1.97
N ILE A 125 9.61 -8.74 2.88
CA ILE A 125 9.33 -9.08 4.34
C ILE A 125 9.24 -7.76 5.07
N ASP A 126 8.10 -7.45 5.70
CA ASP A 126 7.89 -6.19 6.45
C ASP A 126 7.98 -6.48 7.96
N ARG A 127 9.15 -6.32 8.53
CA ARG A 127 9.32 -6.75 9.96
C ARG A 127 8.79 -5.69 10.92
N SER A 128 8.26 -4.62 10.39
CA SER A 128 7.68 -3.55 11.20
C SER A 128 6.23 -3.74 11.51
N LEU A 129 5.58 -4.74 10.93
CA LEU A 129 4.17 -5.01 11.23
C LEU A 129 4.09 -5.97 12.44
N THR A 130 3.87 -5.43 13.65
CA THR A 130 4.06 -6.23 14.90
C THR A 130 2.79 -6.54 15.72
N LYS A 131 1.61 -6.13 15.25
CA LYS A 131 0.38 -6.42 15.93
C LYS A 131 -0.09 -7.83 15.66
N GLU A 132 -0.88 -8.40 16.57
CA GLU A 132 -1.39 -9.76 16.46
C GLU A 132 -2.15 -9.92 15.16
N GLY A 133 -1.84 -11.02 14.44
CA GLY A 133 -2.45 -11.39 13.19
C GLY A 133 -1.81 -10.68 11.98
N ASP A 134 -0.82 -9.77 12.20
CA ASP A 134 -0.19 -9.04 11.07
C ASP A 134 0.61 -10.08 10.24
N VAL A 135 0.55 -9.98 8.92
CA VAL A 135 1.29 -10.89 8.09
C VAL A 135 2.52 -10.13 7.53
N GLN A 136 3.73 -10.59 7.81
CA GLN A 136 4.89 -9.82 7.43
C GLN A 136 5.47 -10.31 6.01
N TYR A 137 4.98 -11.48 5.57
CA TYR A 137 5.57 -12.16 4.31
C TYR A 137 4.56 -13.13 3.78
N SER A 138 4.31 -13.12 2.45
CA SER A 138 3.44 -14.06 1.79
C SER A 138 4.17 -14.69 0.60
N GLU A 139 4.12 -16.01 0.51
CA GLU A 139 4.70 -16.81 -0.58
C GLU A 139 3.78 -17.89 -1.03
N ILE A 140 3.47 -17.96 -2.33
CA ILE A 140 2.72 -19.05 -2.93
C ILE A 140 3.64 -19.82 -3.88
N ASP A 141 3.87 -21.11 -3.67
CA ASP A 141 4.66 -21.92 -4.59
C ASP A 141 3.70 -22.62 -5.52
N VAL A 142 3.69 -22.28 -6.79
CA VAL A 142 2.81 -22.96 -7.78
C VAL A 142 3.26 -24.41 -7.90
N VAL A 143 4.57 -24.65 -8.03
CA VAL A 143 5.17 -26.02 -8.07
C VAL A 143 6.60 -25.97 -7.68
N ASP A 144 7.05 -26.90 -6.82
CA ASP A 144 8.48 -27.27 -6.74
C ASP A 144 8.70 -28.66 -7.26
N LEU A 145 9.47 -28.79 -8.30
CA LEU A 145 9.72 -30.07 -8.93
C LEU A 145 11.00 -30.69 -8.41
N THR A 146 11.02 -32.02 -8.38
CA THR A 146 12.23 -32.82 -8.14
C THR A 146 13.01 -32.45 -6.92
N GLN A 147 12.33 -32.17 -5.78
CA GLN A 147 13.00 -31.90 -4.55
C GLN A 147 12.76 -32.96 -3.44
N LYS A 148 12.07 -34.02 -3.79
CA LYS A 148 11.71 -35.13 -2.82
C LYS A 148 12.55 -36.34 -3.20
N SER A 149 12.43 -37.41 -2.41
CA SER A 149 13.25 -38.59 -2.66
C SER A 149 12.88 -39.34 -3.98
N ALA A 150 11.63 -39.23 -4.43
CA ALA A 150 11.19 -39.83 -5.63
C ALA A 150 10.95 -38.76 -6.69
N VAL A 151 11.40 -39.01 -7.91
CA VAL A 151 11.39 -37.94 -8.97
C VAL A 151 9.96 -37.48 -9.36
N ARG A 152 8.97 -38.36 -9.21
CA ARG A 152 7.58 -37.99 -9.55
C ARG A 152 6.78 -37.31 -8.43
N GLU A 153 7.34 -37.04 -7.31
CA GLU A 153 6.61 -36.41 -6.22
C GLU A 153 6.78 -34.84 -6.38
N SER A 154 5.67 -34.13 -6.42
CA SER A 154 5.70 -32.68 -6.46
C SER A 154 5.15 -32.07 -5.25
N ASP A 155 5.54 -30.82 -5.00
CA ASP A 155 5.07 -30.06 -3.85
C ASP A 155 4.42 -28.73 -4.32
N HIS A 156 3.33 -28.34 -3.67
CA HIS A 156 2.50 -27.18 -4.09
C HIS A 156 2.11 -26.44 -2.84
N ASP A 157 3.05 -25.69 -2.31
CA ASP A 157 3.07 -25.24 -0.93
C ASP A 157 2.84 -23.74 -0.70
N LEU A 158 2.63 -23.38 0.57
CA LEU A 158 2.49 -22.01 1.00
C LEU A 158 3.42 -21.69 2.13
N HIS A 159 3.94 -20.46 2.16
CA HIS A 159 4.85 -19.94 3.21
C HIS A 159 4.46 -18.61 3.64
N ASN A 160 4.63 -18.28 4.95
CA ASN A 160 4.27 -16.94 5.42
C ASN A 160 4.93 -16.67 6.77
N ILE A 161 5.03 -15.41 7.12
CA ILE A 161 5.33 -15.03 8.50
C ILE A 161 4.11 -14.31 9.06
N VAL A 162 3.61 -14.70 10.24
CA VAL A 162 2.45 -14.03 10.80
C VAL A 162 2.72 -13.87 12.33
N VAL A 163 2.19 -12.80 12.91
CA VAL A 163 2.44 -12.50 14.34
C VAL A 163 1.39 -13.31 15.14
N LYS A 164 1.89 -14.24 15.95
CA LYS A 164 1.10 -15.12 16.82
C LYS A 164 1.66 -15.06 18.28
N ASN A 165 0.75 -14.82 19.24
CA ASN A 165 1.17 -14.61 20.65
C ASN A 165 2.25 -13.54 20.75
N GLY A 166 2.08 -12.45 20.01
CA GLY A 166 3.06 -11.38 19.96
C GLY A 166 4.39 -11.64 19.26
N LYS A 167 4.67 -12.84 18.74
CA LYS A 167 5.96 -13.07 18.04
C LYS A 167 5.76 -13.42 16.53
N PRO A 168 6.63 -12.85 15.69
CA PRO A 168 6.55 -13.22 14.26
C PRO A 168 7.01 -14.64 13.99
N THR A 169 6.13 -15.39 13.37
CA THR A 169 6.29 -16.81 13.31
C THR A 169 6.20 -17.30 11.84
N TRP A 170 7.23 -18.01 11.43
CA TRP A 170 7.22 -18.78 10.13
C TRP A 170 6.21 -19.90 10.13
N MET A 171 5.36 -19.98 9.08
CA MET A 171 4.54 -21.14 8.81
C MET A 171 4.98 -21.73 7.50
N ARG A 172 5.36 -23.01 7.54
CA ARG A 172 5.91 -23.73 6.42
C ARG A 172 5.10 -25.00 6.26
N PRO A 173 5.15 -25.62 5.10
CA PRO A 173 4.41 -26.88 4.83
C PRO A 173 4.71 -28.02 5.81
N GLY A 174 5.97 -28.11 6.23
CA GLY A 174 6.45 -29.20 7.10
C GLY A 174 5.85 -29.01 8.51
N SER A 175 5.78 -27.77 9.00
CA SER A 175 5.26 -27.44 10.36
C SER A 175 3.73 -27.23 10.46
N PHE A 176 3.08 -26.78 9.39
CA PHE A 176 1.63 -26.54 9.35
C PHE A 176 0.99 -27.10 8.10
N PRO A 177 1.02 -28.41 7.94
CA PRO A 177 0.55 -29.07 6.69
C PRO A 177 -0.88 -28.81 6.35
N GLN A 178 -1.79 -28.75 7.36
CA GLN A 178 -3.18 -28.60 7.03
C GLN A 178 -3.44 -27.29 6.27
N THR A 179 -2.77 -26.22 6.67
CA THR A 179 -2.99 -24.92 6.01
C THR A 179 -1.93 -24.63 4.87
N ASN A 180 -0.80 -25.34 4.88
CA ASN A 180 0.37 -24.84 4.04
C ASN A 180 0.92 -25.90 3.07
N HIS A 181 0.58 -27.18 3.18
CA HIS A 181 1.11 -28.25 2.33
C HIS A 181 0.09 -28.92 1.39
N ASN A 182 0.49 -29.08 0.13
CA ASN A 182 -0.17 -29.95 -0.81
C ASN A 182 0.90 -30.82 -1.48
N GLY A 183 0.87 -32.14 -1.24
CA GLY A 183 1.74 -33.06 -1.91
C GLY A 183 0.98 -33.81 -3.01
N TYR A 184 1.63 -34.18 -4.10
CA TYR A 184 1.01 -34.86 -5.21
C TYR A 184 1.98 -35.85 -5.88
N HIS A 185 1.46 -37.02 -6.24
CA HIS A 185 2.19 -37.92 -7.05
C HIS A 185 1.82 -37.66 -8.51
N LEU A 186 2.81 -37.18 -9.28
CA LEU A 186 2.60 -36.91 -10.68
C LEU A 186 2.44 -38.20 -11.52
N PRO A 187 1.53 -38.19 -12.50
CA PRO A 187 1.40 -39.31 -13.49
C PRO A 187 2.40 -39.34 -14.63
N PHE A 188 3.56 -38.72 -14.47
CA PHE A 188 4.57 -38.64 -15.49
C PHE A 188 5.91 -38.24 -14.89
N ASP A 189 7.02 -38.43 -15.59
CA ASP A 189 8.32 -37.95 -15.14
C ASP A 189 8.40 -36.48 -15.70
N PRO A 190 8.49 -35.49 -14.76
CA PRO A 190 8.45 -34.10 -15.22
C PRO A 190 9.66 -33.65 -16.04
N ARG A 191 10.72 -34.44 -16.11
CA ARG A 191 11.89 -34.11 -16.87
C ARG A 191 11.75 -34.47 -18.37
N ASN A 192 10.79 -35.32 -18.67
CA ASN A 192 10.72 -35.88 -20.01
C ASN A 192 10.00 -35.07 -21.02
N ASP A 193 9.14 -34.16 -20.61
CA ASP A 193 8.37 -33.35 -21.54
C ASP A 193 7.86 -32.12 -20.84
N PHE A 194 7.30 -31.18 -21.60
CA PHE A 194 6.62 -29.97 -21.04
C PHE A 194 5.27 -30.33 -20.48
N HIS A 195 4.96 -29.86 -19.30
CA HIS A 195 3.62 -29.93 -18.65
C HIS A 195 3.18 -28.56 -18.09
N THR A 196 1.90 -28.37 -17.79
CA THR A 196 1.38 -27.06 -17.39
CA THR A 196 1.33 -27.05 -17.41
C THR A 196 1.08 -27.09 -15.90
N TYR A 197 1.55 -26.05 -15.22
CA TYR A 197 1.50 -25.92 -13.78
C TYR A 197 0.83 -24.64 -13.52
N GLY A 198 -0.31 -24.65 -12.77
CA GLY A 198 -1.10 -23.42 -12.54
C GLY A 198 -1.63 -23.25 -11.16
N VAL A 199 -2.06 -22.05 -10.82
CA VAL A 199 -2.72 -21.78 -9.54
C VAL A 199 -3.75 -20.68 -9.80
N ASN A 200 -4.93 -20.82 -9.16
CA ASN A 200 -5.93 -19.78 -9.11
C ASN A 200 -5.97 -19.23 -7.69
N VAL A 201 -5.69 -17.94 -7.58
CA VAL A 201 -5.63 -17.24 -6.34
C VAL A 201 -6.78 -16.23 -6.20
N THR A 202 -7.62 -16.40 -5.19
CA THR A 202 -8.74 -15.44 -4.94
C THR A 202 -8.64 -14.98 -3.51
N LYS A 203 -9.45 -13.96 -3.17
CA LYS A 203 -9.50 -13.53 -1.78
C LYS A 203 -9.85 -14.67 -0.79
N ASP A 204 -10.57 -15.67 -1.25
CA ASP A 204 -11.04 -16.72 -0.36
C ASP A 204 -10.27 -18.03 -0.47
N LYS A 205 -9.76 -18.36 -1.67
CA LYS A 205 -9.33 -19.76 -1.90
C LYS A 205 -8.09 -19.73 -2.80
N ILE A 206 -7.22 -20.74 -2.64
CA ILE A 206 -6.07 -20.98 -3.59
C ILE A 206 -6.21 -22.40 -4.11
N THR A 207 -6.21 -22.62 -5.41
CA THR A 207 -6.44 -23.92 -6.03
C THR A 207 -5.31 -24.16 -7.08
N TRP A 208 -4.68 -25.32 -6.98
CA TRP A 208 -3.53 -25.67 -7.84
C TRP A 208 -3.88 -26.68 -8.91
N TYR A 209 -3.24 -26.60 -10.06
CA TYR A 209 -3.54 -27.42 -11.17
C TYR A 209 -2.28 -28.01 -11.80
N VAL A 210 -2.31 -29.25 -12.29
CA VAL A 210 -1.22 -29.85 -13.08
C VAL A 210 -1.86 -30.45 -14.28
N ASP A 211 -1.50 -30.03 -15.48
CA ASP A 211 -2.15 -30.54 -16.71
C ASP A 211 -3.71 -30.49 -16.60
N GLY A 212 -4.24 -29.45 -15.97
CA GLY A 212 -5.62 -29.16 -15.90
C GLY A 212 -6.36 -29.88 -14.80
N GLU A 213 -5.68 -30.79 -14.08
CA GLU A 213 -6.31 -31.49 -12.93
C GLU A 213 -6.02 -30.72 -11.66
N ILE A 214 -6.99 -30.71 -10.74
CA ILE A 214 -6.82 -30.05 -9.43
C ILE A 214 -6.00 -30.92 -8.49
N VAL A 215 -4.91 -30.39 -7.99
CA VAL A 215 -3.95 -31.13 -7.14
C VAL A 215 -3.80 -30.55 -5.77
N GLY A 216 -4.29 -29.34 -5.49
CA GLY A 216 -4.08 -28.70 -4.24
C GLY A 216 -5.18 -27.69 -4.05
N GLU A 217 -5.53 -27.44 -2.79
CA GLU A 217 -6.56 -26.44 -2.48
C GLU A 217 -6.46 -26.06 -1.03
N LYS A 218 -6.45 -24.77 -0.73
CA LYS A 218 -6.39 -24.17 0.63
C LYS A 218 -7.19 -22.91 0.75
N ASP A 219 -7.61 -22.56 2.00
CA ASP A 219 -8.22 -21.27 2.21
C ASP A 219 -7.14 -20.15 2.18
N ASN A 220 -7.52 -18.98 1.67
CA ASN A 220 -6.53 -17.85 1.60
C ASN A 220 -6.48 -17.05 2.87
N LEU A 221 -5.81 -17.56 3.86
CA LEU A 221 -5.71 -16.91 5.16
C LEU A 221 -4.71 -15.79 5.21
N TYR A 222 -3.56 -15.93 4.55
CA TYR A 222 -2.37 -15.12 4.88
C TYR A 222 -1.64 -14.66 3.55
N TRP A 223 -2.27 -14.90 2.40
CA TRP A 223 -1.63 -14.64 1.09
C TRP A 223 -2.26 -13.53 0.30
N HIS A 224 -2.22 -12.33 0.89
CA HIS A 224 -2.83 -11.15 0.27
C HIS A 224 -1.85 -10.04 -0.04
N ARG A 225 -0.60 -10.23 0.28
CA ARG A 225 0.40 -9.17 0.04
C ARG A 225 0.71 -9.08 -1.49
N GLN A 226 1.37 -8.01 -1.91
CA GLN A 226 1.88 -7.88 -3.31
C GLN A 226 3.08 -8.80 -3.50
N MET A 227 2.99 -9.67 -4.49
CA MET A 227 4.00 -10.76 -4.73
C MET A 227 4.57 -10.64 -6.17
N ASN A 228 5.88 -10.78 -6.29
CA ASN A 228 6.56 -10.87 -7.59
C ASN A 228 6.57 -12.30 -8.08
N LEU A 229 6.20 -12.51 -9.37
CA LEU A 229 6.08 -13.84 -9.93
C LEU A 229 7.42 -14.32 -10.45
N THR A 230 7.81 -15.56 -10.12
CA THR A 230 9.20 -15.96 -10.26
C THR A 230 9.28 -17.36 -10.89
N LEU A 231 10.27 -17.53 -11.75
CA LEU A 231 10.69 -18.84 -12.25
C LEU A 231 12.18 -18.98 -11.87
N SER A 232 12.57 -20.11 -11.28
CA SER A 232 13.96 -20.21 -10.85
C SER A 232 14.37 -21.69 -10.67
N GLN A 233 15.69 -21.96 -10.59
CA GLN A 233 16.18 -23.34 -10.36
C GLN A 233 17.07 -23.28 -9.13
N GLY A 234 16.69 -24.00 -8.06
CA GLY A 234 17.47 -24.06 -6.88
C GLY A 234 18.20 -25.36 -6.63
N LEU A 235 19.20 -25.32 -5.73
CA LEU A 235 19.99 -26.51 -5.38
C LEU A 235 19.27 -27.25 -4.22
N ARG A 236 19.46 -28.56 -4.17
CA ARG A 236 18.88 -29.45 -3.16
C ARG A 236 19.89 -30.56 -2.75
N ALA A 237 19.46 -31.41 -1.83
CA ALA A 237 20.26 -32.61 -1.49
C ALA A 237 20.64 -33.36 -2.76
N PRO A 238 21.90 -33.80 -2.91
CA PRO A 238 22.91 -33.92 -1.86
C PRO A 238 23.83 -32.72 -1.65
N HIS A 239 23.50 -31.56 -2.27
CA HIS A 239 24.44 -30.47 -2.26
C HIS A 239 24.10 -29.43 -1.19
N THR A 240 23.05 -29.71 -0.44
CA THR A 240 22.57 -28.82 0.67
C THR A 240 22.29 -29.51 1.99
N GLN A 241 22.36 -28.76 3.09
CA GLN A 241 21.79 -29.14 4.39
C GLN A 241 20.67 -28.10 4.74
N TRP A 242 19.65 -28.47 5.50
CA TRP A 242 18.62 -27.58 5.91
C TRP A 242 18.67 -27.41 7.43
N LYS A 243 18.86 -26.19 7.94
CA LYS A 243 18.86 -25.93 9.35
C LYS A 243 18.54 -24.47 9.59
N CYS A 244 18.00 -24.14 10.75
CA CYS A 244 17.65 -22.79 11.09
C CYS A 244 16.91 -22.09 9.92
N ASN A 245 16.01 -22.80 9.29
CA ASN A 245 15.06 -22.18 8.34
C ASN A 245 15.69 -21.76 7.02
N GLN A 246 16.82 -22.35 6.67
CA GLN A 246 17.52 -22.06 5.42
C GLN A 246 18.41 -23.18 4.97
N PHE A 247 18.95 -23.08 3.76
CA PHE A 247 19.97 -23.94 3.21
C PHE A 247 21.40 -23.55 3.69
N TYR A 248 22.26 -24.57 3.83
CA TYR A 248 23.69 -24.42 4.03
C TYR A 248 24.38 -25.40 3.06
N PRO A 249 25.62 -25.15 2.64
CA PRO A 249 26.26 -26.06 1.68
C PRO A 249 26.59 -27.40 2.36
N SER A 250 26.47 -28.46 1.64
CA SER A 250 27.03 -29.74 2.17
C SER A 250 28.50 -29.90 1.71
N ALA A 251 29.08 -31.06 2.02
CA ALA A 251 30.46 -31.29 1.51
C ALA A 251 30.48 -31.96 0.14
N ASN A 252 29.32 -32.25 -0.44
CA ASN A 252 29.22 -32.74 -1.79
C ASN A 252 29.11 -31.57 -2.81
N LYS A 253 30.24 -31.32 -3.47
CA LYS A 253 30.42 -30.24 -4.50
C LYS A 253 30.70 -30.84 -5.86
N SER A 254 30.09 -31.99 -6.12
CA SER A 254 30.34 -32.67 -7.37
C SER A 254 29.93 -31.86 -8.59
N ALA A 255 30.74 -31.93 -9.65
CA ALA A 255 30.37 -31.34 -10.94
C ALA A 255 29.56 -32.32 -11.86
N GLU A 256 29.43 -33.59 -11.45
CA GLU A 256 28.73 -34.57 -12.27
C GLU A 256 27.25 -34.17 -12.31
N GLY A 257 26.71 -34.16 -13.51
CA GLY A 257 25.30 -33.76 -13.70
C GLY A 257 25.13 -32.25 -13.94
N PHE A 258 26.22 -31.51 -13.93
CA PHE A 258 26.13 -30.08 -14.26
C PHE A 258 26.94 -29.75 -15.50
N PRO A 259 26.60 -28.74 -16.27
CA PRO A 259 25.39 -27.85 -16.11
C PRO A 259 24.08 -28.60 -16.40
N THR A 260 22.96 -28.17 -15.86
CA THR A 260 21.68 -28.77 -16.15
C THR A 260 20.60 -27.68 -16.15
N SER A 261 19.63 -27.75 -17.05
CA SER A 261 18.69 -26.63 -17.29
C SER A 261 17.22 -27.05 -17.30
N MET A 262 16.40 -26.27 -16.66
CA MET A 262 14.94 -26.30 -16.88
C MET A 262 14.57 -25.44 -18.07
N GLU A 263 13.45 -25.73 -18.71
CA GLU A 263 12.94 -24.97 -19.86
C GLU A 263 11.50 -24.57 -19.63
N VAL A 264 11.18 -23.33 -20.02
CA VAL A 264 9.90 -22.69 -19.88
C VAL A 264 9.43 -22.22 -21.24
N ASP A 265 8.31 -22.74 -21.71
CA ASP A 265 7.72 -22.27 -22.93
C ASP A 265 6.99 -20.98 -22.79
N TYR A 266 6.24 -20.81 -21.72
CA TYR A 266 5.47 -19.58 -21.51
C TYR A 266 5.11 -19.44 -20.01
N VAL A 267 4.81 -18.20 -19.66
CA VAL A 267 4.11 -17.90 -18.47
C VAL A 267 2.99 -17.00 -18.79
N ARG A 268 1.81 -17.27 -18.20
CA ARG A 268 0.59 -16.48 -18.45
C ARG A 268 -0.15 -16.17 -17.19
N THR A 269 -0.49 -14.91 -16.96
CA THR A 269 -1.23 -14.48 -15.78
C THR A 269 -2.46 -13.74 -16.24
N TRP A 270 -3.63 -14.09 -15.64
CA TRP A 270 -4.85 -13.38 -15.95
C TRP A 270 -5.56 -12.90 -14.66
N VAL A 271 -6.38 -11.84 -14.74
CA VAL A 271 -7.22 -11.38 -13.64
C VAL A 271 -8.67 -11.34 -14.13
N LYS A 272 -9.57 -11.93 -13.34
CA LYS A 272 -11.06 -11.94 -13.74
C LYS A 272 -11.64 -10.59 -13.40
N VAL A 273 -12.40 -10.04 -14.34
CA VAL A 273 -13.10 -8.74 -14.12
C VAL A 273 -14.30 -8.94 -13.20
N MET B 4 -14.42 16.89 -17.11
CA MET B 4 -14.43 16.12 -15.81
C MET B 4 -15.56 16.72 -14.93
N GLN B 5 -16.61 15.97 -14.63
CA GLN B 5 -17.69 16.40 -13.74
C GLN B 5 -17.58 15.70 -12.42
N PRO B 6 -18.19 16.24 -11.35
CA PRO B 6 -18.17 15.53 -10.09
C PRO B 6 -19.03 14.25 -10.03
N PRO B 7 -18.69 13.30 -9.15
CA PRO B 7 -19.45 12.03 -9.11
C PRO B 7 -20.82 12.18 -8.59
N ILE B 8 -21.15 13.30 -7.92
CA ILE B 8 -22.50 13.50 -7.43
C ILE B 8 -23.42 14.21 -8.47
N ALA B 9 -22.91 14.51 -9.64
CA ALA B 9 -23.63 15.33 -10.66
C ALA B 9 -24.90 14.56 -11.19
N LYS B 10 -25.98 15.29 -11.29
CA LYS B 10 -27.25 14.85 -12.02
C LYS B 10 -27.07 15.12 -13.52
N PRO B 11 -27.79 14.34 -14.36
CA PRO B 11 -27.61 14.30 -15.83
C PRO B 11 -27.49 15.69 -16.54
N GLY B 12 -28.41 16.57 -16.17
CA GLY B 12 -28.44 17.90 -16.81
C GLY B 12 -27.79 19.04 -16.06
N GLU B 13 -27.02 18.71 -14.99
CA GLU B 13 -26.30 19.75 -14.21
C GLU B 13 -25.04 20.18 -14.90
N THR B 14 -24.71 21.44 -14.82
CA THR B 14 -23.48 21.97 -15.28
C THR B 14 -22.66 22.31 -14.05
N TRP B 15 -21.44 21.70 -13.92
CA TRP B 15 -20.52 22.07 -12.84
C TRP B 15 -19.21 22.56 -13.44
N ILE B 16 -18.73 23.67 -12.95
CA ILE B 16 -17.52 24.33 -13.45
C ILE B 16 -16.37 24.01 -12.46
N LEU B 17 -15.27 23.41 -12.98
CA LEU B 17 -14.03 23.28 -12.14
C LEU B 17 -13.45 24.58 -11.77
N GLN B 18 -13.13 24.78 -10.46
CA GLN B 18 -12.57 25.95 -9.89
C GLN B 18 -11.06 25.73 -10.01
N ALA B 19 -10.40 26.27 -11.03
CA ALA B 19 -9.02 25.95 -11.25
C ALA B 19 -8.12 26.36 -10.10
N LYS B 20 -8.46 27.40 -9.39
CA LYS B 20 -7.55 27.97 -8.39
C LYS B 20 -7.59 27.12 -7.08
N ARG B 21 -8.53 26.16 -7.01
CA ARG B 21 -8.72 25.25 -5.89
C ARG B 21 -8.72 23.84 -6.30
N SER B 22 -8.01 23.56 -7.40
CA SER B 22 -7.94 22.21 -7.95
C SER B 22 -6.50 21.94 -8.43
N ASP B 23 -6.04 20.69 -8.30
CA ASP B 23 -4.69 20.34 -8.80
C ASP B 23 -4.60 18.87 -8.98
N GLU B 24 -3.93 18.42 -10.06
CA GLU B 24 -3.62 17.01 -10.26
C GLU B 24 -2.17 16.65 -9.86
N PHE B 25 -1.41 17.63 -9.42
CA PHE B 25 -0.07 17.44 -8.82
C PHE B 25 0.94 16.85 -9.80
N ASN B 26 0.86 17.35 -11.04
CA ASN B 26 2.00 17.16 -11.94
C ASN B 26 3.26 17.93 -11.54
N VAL B 27 3.06 19.15 -11.05
CA VAL B 27 4.09 20.01 -10.51
C VAL B 27 3.69 20.59 -9.15
N LYS B 28 4.70 21.20 -8.49
CA LYS B 28 4.47 21.90 -7.21
C LYS B 28 4.23 23.39 -7.43
N ASP B 29 2.99 23.89 -7.31
CA ASP B 29 2.62 25.21 -7.79
C ASP B 29 2.45 26.14 -6.61
N ALA B 30 3.51 26.89 -6.31
CA ALA B 30 3.52 27.85 -5.19
C ALA B 30 2.82 29.18 -5.46
N THR B 31 2.37 29.41 -6.71
CA THR B 31 1.48 30.55 -6.96
C THR B 31 0.05 30.20 -6.47
N LYS B 32 -0.37 28.99 -6.75
CA LYS B 32 -1.76 28.50 -6.39
C LYS B 32 -1.84 28.18 -4.90
N TRP B 33 -0.79 27.53 -4.39
CA TRP B 33 -0.79 26.97 -3.02
C TRP B 33 0.21 27.69 -2.14
N ASN B 34 -0.17 27.88 -0.91
CA ASN B 34 0.72 28.31 0.17
C ASN B 34 1.15 27.08 0.87
N PHE B 35 2.43 26.68 0.67
CA PHE B 35 3.01 25.49 1.26
C PHE B 35 3.70 25.75 2.62
N GLN B 36 3.54 26.95 3.13
CA GLN B 36 4.20 27.30 4.45
C GLN B 36 3.45 28.50 5.04
N THR B 37 2.37 28.19 5.72
CA THR B 37 1.41 29.17 6.17
C THR B 37 1.78 29.74 7.57
N GLU B 38 0.83 30.50 8.15
CA GLU B 38 0.95 30.78 9.56
C GLU B 38 1.00 29.47 10.36
N ASN B 39 1.67 29.51 11.52
CA ASN B 39 1.76 28.32 12.36
C ASN B 39 0.74 28.24 13.51
N TYR B 40 0.45 27.01 13.90
CA TYR B 40 -0.47 26.76 14.99
C TYR B 40 -0.21 25.32 15.47
N GLY B 41 -0.97 24.88 16.45
CA GLY B 41 -0.70 23.53 16.96
C GLY B 41 0.67 23.48 17.67
N VAL B 42 1.26 22.29 17.71
CA VAL B 42 2.55 22.06 18.36
C VAL B 42 3.61 21.61 17.39
N TRP B 43 3.44 22.09 16.16
CA TRP B 43 4.42 21.79 15.07
C TRP B 43 4.64 23.04 14.29
N SER B 44 5.64 23.01 13.37
CA SER B 44 5.84 24.16 12.45
C SER B 44 5.84 23.65 11.02
N TRP B 45 5.32 24.49 10.13
CA TRP B 45 5.23 24.15 8.70
C TRP B 45 6.55 24.44 8.00
N LYS B 46 6.96 23.52 7.08
CA LYS B 46 8.15 23.80 6.21
C LYS B 46 7.73 23.43 4.77
N ASN B 47 7.98 24.39 3.85
CA ASN B 47 7.81 24.07 2.38
C ASN B 47 8.52 22.82 2.00
N GLU B 48 9.69 22.55 2.61
CA GLU B 48 10.44 21.39 2.32
C GLU B 48 9.74 20.08 2.65
N ASN B 49 8.80 20.05 3.59
CA ASN B 49 8.00 18.92 3.94
C ASN B 49 6.79 18.64 3.00
N ALA B 50 6.65 19.39 1.91
CA ALA B 50 5.72 19.16 0.82
C ALA B 50 6.56 18.77 -0.44
N THR B 51 6.27 17.57 -0.96
CA THR B 51 6.99 17.10 -2.17
C THR B 51 5.99 16.72 -3.24
N VAL B 52 6.29 17.06 -4.51
CA VAL B 52 5.51 16.54 -5.62
C VAL B 52 6.42 15.59 -6.44
N SER B 53 5.99 14.35 -6.53
CA SER B 53 6.72 13.26 -7.29
C SER B 53 5.74 12.25 -7.80
N ASN B 54 5.94 11.84 -9.06
CA ASN B 54 5.17 10.79 -9.67
C ASN B 54 3.62 11.05 -9.61
N GLY B 55 3.26 12.32 -9.85
CA GLY B 55 1.83 12.70 -9.92
C GLY B 55 1.17 12.86 -8.58
N LYS B 56 1.91 12.85 -7.50
CA LYS B 56 1.29 12.93 -6.18
C LYS B 56 1.93 13.99 -5.32
N LEU B 57 1.10 14.62 -4.47
CA LEU B 57 1.59 15.45 -3.34
C LEU B 57 1.81 14.62 -2.11
N LYS B 58 2.98 14.75 -1.47
CA LYS B 58 3.30 14.04 -0.26
C LYS B 58 3.52 15.12 0.80
N LEU B 59 2.88 14.97 1.97
CA LEU B 59 3.03 15.91 3.11
C LEU B 59 3.62 15.10 4.30
N THR B 60 4.82 15.49 4.74
CA THR B 60 5.63 14.67 5.61
C THR B 60 5.75 15.31 7.02
N THR B 61 5.56 14.51 8.03
CA THR B 61 5.80 14.92 9.41
C THR B 61 7.19 14.35 9.84
N LYS B 62 8.03 15.14 10.46
CA LYS B 62 9.40 14.79 10.88
C LYS B 62 9.58 15.08 12.36
N ARG B 63 10.42 14.30 13.01
CA ARG B 63 10.88 14.62 14.38
C ARG B 63 12.06 15.58 14.24
N GLU B 64 11.88 16.87 14.56
CA GLU B 64 12.87 17.97 14.39
C GLU B 64 12.71 18.97 15.54
N SER B 65 13.65 18.99 16.45
CA SER B 65 13.65 19.95 17.53
C SER B 65 13.84 21.36 17.03
N HIS B 66 13.08 22.33 17.50
CA HIS B 66 13.21 23.72 17.07
C HIS B 66 12.49 24.58 18.09
N GLN B 67 12.41 25.86 17.82
CA GLN B 67 11.61 26.76 18.65
C GLN B 67 10.93 27.80 17.80
N ARG B 68 9.83 28.39 18.29
CA ARG B 68 9.18 29.49 17.64
C ARG B 68 8.24 30.17 18.65
N THR B 69 7.68 31.30 18.28
CA THR B 69 6.63 31.93 19.14
C THR B 69 5.34 31.11 19.12
N PHE B 70 4.76 30.85 20.30
CA PHE B 70 3.70 29.87 20.51
C PHE B 70 2.47 30.54 21.19
N TRP B 71 1.29 30.30 20.66
CA TRP B 71 0.08 30.83 21.36
C TRP B 71 -0.29 29.88 22.50
N ASP B 72 -0.23 30.46 23.75
CA ASP B 72 -0.52 29.73 25.04
C ASP B 72 -1.89 30.16 25.46
N GLY B 73 -2.93 29.51 24.98
CA GLY B 73 -4.34 29.87 25.23
C GLY B 73 -4.74 29.72 26.70
N CYS B 74 -4.08 28.84 27.44
CA CYS B 74 -4.40 28.69 28.94
C CYS B 74 -4.05 30.01 29.67
N ASN B 75 -3.18 30.86 29.17
CA ASN B 75 -2.82 32.18 29.81
C ASN B 75 -3.06 33.34 28.84
N GLN B 76 -3.73 33.07 27.67
CA GLN B 76 -4.06 34.08 26.62
C GLN B 76 -2.84 34.96 26.27
N GLN B 77 -1.72 34.34 25.98
CA GLN B 77 -0.49 35.10 25.64
C GLN B 77 0.38 34.35 24.60
N GLN B 78 1.01 35.10 23.73
CA GLN B 78 2.14 34.53 22.91
C GLN B 78 3.34 34.30 23.80
N VAL B 79 4.05 33.21 23.64
CA VAL B 79 5.29 32.93 24.33
C VAL B 79 6.44 32.77 23.27
N ALA B 80 7.44 33.63 23.41
CA ALA B 80 8.64 33.55 22.54
C ALA B 80 9.50 32.37 22.87
N ASN B 81 10.26 31.89 21.87
CA ASN B 81 11.24 30.87 22.11
C ASN B 81 10.75 29.56 22.71
N TYR B 82 9.55 29.15 22.27
CA TYR B 82 8.88 27.99 22.85
C TYR B 82 9.42 26.71 22.16
N PRO B 83 9.92 25.73 22.88
CA PRO B 83 10.45 24.53 22.23
C PRO B 83 9.38 23.59 21.72
N LEU B 84 9.56 23.14 20.45
CA LEU B 84 8.67 22.17 19.83
C LEU B 84 9.45 21.06 19.17
N TYR B 85 8.78 19.93 18.85
CA TYR B 85 9.51 18.73 18.55
C TYR B 85 9.27 18.15 17.16
N TYR B 86 8.30 18.66 16.43
CA TYR B 86 7.88 18.09 15.13
C TYR B 86 7.67 19.17 14.10
N THR B 87 7.96 18.87 12.81
CA THR B 87 7.66 19.79 11.74
C THR B 87 6.77 18.99 10.75
N SER B 88 6.01 19.72 9.94
CA SER B 88 5.06 19.05 9.04
C SER B 88 4.83 19.80 7.77
N GLY B 89 3.89 19.27 6.99
CA GLY B 89 3.57 19.76 5.60
C GLY B 89 2.14 20.23 5.49
N VAL B 90 1.93 21.29 4.70
CA VAL B 90 0.64 21.84 4.42
C VAL B 90 0.59 22.40 2.98
N ALA B 91 -0.62 22.35 2.40
CA ALA B 91 -0.90 23.04 1.13
C ALA B 91 -2.25 23.75 1.31
N LYS B 92 -2.25 25.05 1.39
CA LYS B 92 -3.43 25.90 1.60
C LYS B 92 -3.67 26.75 0.36
N SER B 93 -4.86 26.67 -0.27
CA SER B 93 -5.09 27.51 -1.44
C SER B 93 -5.01 28.96 -1.13
N ARG B 94 -4.35 29.74 -1.99
CA ARG B 94 -4.40 31.20 -1.79
C ARG B 94 -5.79 31.77 -2.05
N ALA B 95 -6.50 31.19 -3.02
CA ALA B 95 -7.88 31.58 -3.32
C ALA B 95 -8.85 31.03 -2.32
N THR B 96 -10.00 31.69 -2.18
CA THR B 96 -11.07 31.27 -1.23
C THR B 96 -12.43 31.12 -1.92
N GLY B 97 -13.27 30.29 -1.32
CA GLY B 97 -14.70 30.29 -1.68
C GLY B 97 -15.53 29.67 -0.58
N ASN B 98 -16.78 29.27 -0.88
CA ASN B 98 -17.65 28.66 0.10
C ASN B 98 -18.42 27.50 -0.47
N TYR B 99 -19.44 27.80 -1.28
CA TYR B 99 -20.30 26.75 -1.80
C TYR B 99 -19.66 26.01 -2.99
N GLY B 100 -19.89 24.73 -3.05
CA GLY B 100 -19.30 23.84 -4.06
C GLY B 100 -19.20 22.43 -3.65
N TYR B 101 -18.72 21.56 -4.58
CA TYR B 101 -18.42 20.20 -4.25
C TYR B 101 -16.86 20.09 -4.30
N TYR B 102 -16.34 19.49 -3.24
CA TYR B 102 -14.89 19.35 -3.06
C TYR B 102 -14.52 17.91 -2.89
N GLU B 103 -13.41 17.46 -3.49
CA GLU B 103 -13.06 16.06 -3.39
C GLU B 103 -11.52 15.94 -3.45
N ALA B 104 -10.98 15.01 -2.66
CA ALA B 104 -9.52 14.65 -2.76
C ALA B 104 -9.33 13.18 -2.65
N ARG B 105 -8.28 12.65 -3.36
CA ARG B 105 -7.98 11.23 -3.36
C ARG B 105 -6.74 11.04 -2.57
N ILE B 106 -6.87 10.45 -1.38
CA ILE B 106 -5.83 10.48 -0.32
C ILE B 106 -5.52 9.08 0.18
N LYS B 107 -4.22 8.83 0.48
CA LYS B 107 -3.77 7.65 1.18
C LYS B 107 -3.20 8.14 2.53
N GLY B 108 -3.59 7.53 3.64
CA GLY B 108 -3.10 7.95 4.93
C GLY B 108 -1.60 7.67 5.16
N ALA B 109 -1.04 8.24 6.24
CA ALA B 109 0.36 8.01 6.63
C ALA B 109 0.51 6.65 7.28
N SER B 110 1.69 6.08 7.21
CA SER B 110 1.89 4.74 7.69
C SER B 110 1.78 4.62 9.20
N THR B 111 2.12 5.65 9.95
CA THR B 111 2.23 5.58 11.41
C THR B 111 0.87 5.78 12.05
N PHE B 112 0.54 4.92 13.03
CA PHE B 112 -0.68 5.12 13.86
C PHE B 112 -0.42 4.53 15.23
N PRO B 113 -0.74 5.22 16.33
CA PRO B 113 -1.24 6.57 16.39
C PRO B 113 -0.13 7.61 16.31
N GLY B 114 -0.53 8.89 16.18
CA GLY B 114 0.42 10.00 16.32
C GLY B 114 0.24 11.10 15.29
N VAL B 115 -0.33 10.79 14.13
CA VAL B 115 -0.53 11.80 13.08
C VAL B 115 -1.94 11.75 12.46
N SER B 116 -2.39 12.88 11.92
CA SER B 116 -3.77 12.99 11.41
C SER B 116 -3.68 13.73 10.05
N PRO B 117 -3.73 13.00 8.91
CA PRO B 117 -4.01 13.59 7.61
C PRO B 117 -5.40 14.24 7.63
N ALA B 118 -5.47 15.43 7.07
CA ALA B 118 -6.69 16.19 7.01
C ALA B 118 -6.89 16.92 5.68
N PHE B 119 -8.19 17.02 5.31
CA PHE B 119 -8.64 17.79 4.12
C PHE B 119 -9.75 18.69 4.69
N TRP B 120 -9.59 19.99 4.56
CA TRP B 120 -10.47 20.92 5.30
C TRP B 120 -10.40 22.28 4.73
N MET B 121 -11.25 23.21 5.17
CA MET B 121 -11.15 24.58 4.64
C MET B 121 -11.51 25.56 5.80
N TYR B 122 -10.96 26.74 5.80
CA TYR B 122 -11.13 27.66 6.95
C TYR B 122 -10.94 29.09 6.58
N SER B 123 -11.69 29.97 7.28
CA SER B 123 -11.62 31.40 7.08
C SER B 123 -10.60 32.11 7.99
N THR B 124 -10.36 33.39 7.72
CA THR B 124 -9.81 34.31 8.76
C THR B 124 -10.75 34.38 9.98
N ILE B 125 -10.20 34.82 11.16
CA ILE B 125 -11.06 35.10 12.28
C ILE B 125 -11.28 36.62 12.37
N ASP B 126 -12.53 37.05 12.33
CA ASP B 126 -12.85 38.51 12.40
C ASP B 126 -13.44 38.86 13.75
N ARG B 127 -12.57 39.31 14.62
CA ARG B 127 -12.99 39.62 15.99
C ARG B 127 -13.70 41.01 16.17
N SER B 128 -13.81 41.75 15.08
CA SER B 128 -14.57 43.01 15.08
C SER B 128 -16.07 42.80 14.91
N LEU B 129 -16.54 41.62 14.46
CA LEU B 129 -17.93 41.34 14.35
C LEU B 129 -18.51 40.97 15.70
N THR B 130 -19.12 41.96 16.39
CA THR B 130 -19.63 41.77 17.73
C THR B 130 -21.12 41.80 17.99
N LYS B 131 -21.96 41.81 16.97
CA LYS B 131 -23.42 41.82 17.15
C LYS B 131 -23.96 40.44 17.33
N GLU B 132 -25.10 40.34 18.01
CA GLU B 132 -25.75 39.03 18.23
C GLU B 132 -25.90 38.22 16.94
N GLY B 133 -25.43 36.96 16.98
CA GLY B 133 -25.46 36.09 15.80
C GLY B 133 -24.37 36.29 14.73
N ASP B 134 -23.45 37.27 14.92
CA ASP B 134 -22.35 37.47 13.94
C ASP B 134 -21.44 36.19 13.95
N VAL B 135 -20.99 35.79 12.75
CA VAL B 135 -20.06 34.60 12.71
C VAL B 135 -18.67 35.12 12.46
N GLN B 136 -17.75 34.90 13.40
CA GLN B 136 -16.37 35.36 13.31
C GLN B 136 -15.41 34.41 12.53
N TYR B 137 -15.84 33.15 12.46
CA TYR B 137 -14.94 32.09 11.95
C TYR B 137 -15.75 30.97 11.45
N SER B 138 -15.39 30.38 10.26
CA SER B 138 -16.05 29.20 9.70
C SER B 138 -14.96 28.20 9.27
N GLU B 139 -15.18 26.94 9.56
CA GLU B 139 -14.33 25.84 9.19
C GLU B 139 -15.12 24.61 8.85
N ILE B 140 -14.89 23.98 7.68
CA ILE B 140 -15.48 22.70 7.35
C ILE B 140 -14.34 21.71 7.23
N ASP B 141 -14.41 20.59 7.94
CA ASP B 141 -13.42 19.53 7.83
C ASP B 141 -14.00 18.45 6.96
N VAL B 142 -13.45 18.23 5.76
CA VAL B 142 -13.93 17.18 4.84
C VAL B 142 -13.65 15.81 5.46
N VAL B 143 -12.45 15.59 6.01
CA VAL B 143 -12.09 14.36 6.72
C VAL B 143 -10.89 14.70 7.63
N ASP B 144 -10.88 14.13 8.84
CA ASP B 144 -9.64 13.94 9.64
C ASP B 144 -9.45 12.45 9.80
N LEU B 145 -8.35 11.94 9.33
CA LEU B 145 -8.04 10.53 9.42
C LEU B 145 -7.19 10.24 10.66
N THR B 146 -7.31 8.98 11.15
CA THR B 146 -6.40 8.36 12.14
C THR B 146 -6.15 9.29 13.33
N GLN B 147 -7.18 9.91 13.89
CA GLN B 147 -7.07 10.70 15.12
C GLN B 147 -7.89 10.16 16.30
N LYS B 148 -8.44 8.97 16.15
CA LYS B 148 -9.28 8.38 17.25
C LYS B 148 -8.60 7.12 17.75
N SER B 149 -9.24 6.40 18.68
CA SER B 149 -8.57 5.25 19.28
C SER B 149 -8.44 4.05 18.35
N ALA B 150 -9.29 3.88 17.33
CA ALA B 150 -9.13 2.84 16.33
C ALA B 150 -8.85 3.42 14.99
N VAL B 151 -8.02 2.76 14.25
CA VAL B 151 -7.48 3.30 13.01
C VAL B 151 -8.52 3.53 11.92
N ARG B 152 -9.60 2.74 11.92
CA ARG B 152 -10.64 2.86 10.89
C ARG B 152 -11.77 3.90 11.23
N GLU B 153 -11.63 4.62 12.32
CA GLU B 153 -12.67 5.60 12.70
C GLU B 153 -12.26 6.97 12.09
N SER B 154 -13.14 7.57 11.31
CA SER B 154 -12.92 8.89 10.73
C SER B 154 -13.89 9.92 11.25
N ASP B 155 -13.46 11.20 11.25
CA ASP B 155 -14.27 12.35 11.68
C ASP B 155 -14.48 13.31 10.53
N HIS B 156 -15.70 13.90 10.50
CA HIS B 156 -16.16 14.78 9.39
C HIS B 156 -16.93 15.95 10.05
N ASP B 157 -16.17 16.90 10.57
CA ASP B 157 -16.65 17.88 11.56
C ASP B 157 -16.71 19.31 11.07
N LEU B 158 -17.39 20.13 11.86
CA LEU B 158 -17.54 21.55 11.60
C LEU B 158 -17.09 22.37 12.86
N HIS B 159 -16.51 23.52 12.61
CA HIS B 159 -16.03 24.44 13.70
C HIS B 159 -16.47 25.84 13.36
N ASN B 160 -16.70 26.68 14.38
CA ASN B 160 -17.05 28.08 14.10
C ASN B 160 -16.97 28.90 15.38
N ILE B 161 -16.90 30.21 15.23
CA ILE B 161 -17.06 31.13 16.39
C ILE B 161 -18.29 31.98 16.00
N VAL B 162 -19.24 32.11 16.97
CA VAL B 162 -20.49 32.82 16.73
C VAL B 162 -20.77 33.66 18.00
N VAL B 163 -21.26 34.89 17.85
CA VAL B 163 -21.71 35.67 19.04
C VAL B 163 -23.07 35.18 19.57
N LYS B 164 -23.13 34.76 20.83
CA LYS B 164 -24.32 34.13 21.50
C LYS B 164 -24.46 34.80 22.88
N ASN B 165 -25.61 35.44 23.14
CA ASN B 165 -25.74 36.36 24.33
C ASN B 165 -24.59 37.30 24.55
N GLY B 166 -24.27 38.06 23.50
CA GLY B 166 -23.18 39.02 23.59
C GLY B 166 -21.75 38.51 23.58
N LYS B 167 -21.52 37.18 23.62
CA LYS B 167 -20.14 36.67 23.79
C LYS B 167 -19.71 35.81 22.57
N PRO B 168 -18.56 36.13 21.90
CA PRO B 168 -18.02 35.19 20.85
C PRO B 168 -17.75 33.83 21.42
N THR B 169 -18.30 32.81 20.81
CA THR B 169 -18.38 31.49 21.43
C THR B 169 -17.87 30.49 20.40
N TRP B 170 -16.85 29.73 20.77
CA TRP B 170 -16.49 28.55 19.94
C TRP B 170 -17.52 27.46 19.97
N MET B 171 -17.81 26.89 18.78
CA MET B 171 -18.53 25.64 18.66
C MET B 171 -17.69 24.60 17.95
N ARG B 172 -17.55 23.47 18.60
CA ARG B 172 -16.68 22.40 18.17
C ARG B 172 -17.50 21.09 18.14
N PRO B 173 -17.00 20.07 17.39
CA PRO B 173 -17.71 18.83 17.41
C PRO B 173 -17.94 18.22 18.79
N GLY B 174 -17.00 18.38 19.68
CA GLY B 174 -17.17 17.75 20.99
C GLY B 174 -18.08 18.56 21.92
N SER B 175 -18.17 19.85 21.76
CA SER B 175 -19.00 20.71 22.64
C SER B 175 -20.41 20.88 22.08
N PHE B 176 -20.56 20.84 20.75
CA PHE B 176 -21.87 20.99 20.04
C PHE B 176 -22.08 19.86 19.04
N PRO B 177 -22.14 18.64 19.49
CA PRO B 177 -22.21 17.51 18.59
C PRO B 177 -23.38 17.42 17.66
N GLN B 178 -24.55 17.86 18.09
CA GLN B 178 -25.71 17.78 17.24
C GLN B 178 -25.63 18.64 15.94
N THR B 179 -24.94 19.79 16.01
CA THR B 179 -24.77 20.67 14.92
C THR B 179 -23.36 20.46 14.22
N ASN B 180 -22.39 19.93 14.95
CA ASN B 180 -20.99 20.09 14.45
C ASN B 180 -20.20 18.77 14.32
N HIS B 181 -20.72 17.59 14.71
CA HIS B 181 -19.96 16.36 14.60
C HIS B 181 -20.58 15.29 13.71
N ASN B 182 -19.78 14.58 12.89
CA ASN B 182 -20.14 13.38 12.19
C ASN B 182 -18.97 12.39 12.38
N GLY B 183 -19.24 11.16 12.82
CA GLY B 183 -18.28 10.09 12.92
C GLY B 183 -18.63 8.99 11.97
N TYR B 184 -17.65 8.26 11.46
CA TYR B 184 -17.88 7.16 10.52
C TYR B 184 -16.90 6.04 10.73
N HIS B 185 -17.37 4.78 10.64
CA HIS B 185 -16.51 3.64 10.67
C HIS B 185 -16.15 3.21 9.24
N LEU B 186 -14.92 3.46 8.85
CA LEU B 186 -14.46 3.18 7.49
C LEU B 186 -14.47 1.71 7.23
N PRO B 187 -14.98 1.29 6.05
CA PRO B 187 -14.92 -0.17 5.67
C PRO B 187 -13.56 -0.63 5.14
N PHE B 188 -12.47 0.06 5.48
CA PHE B 188 -11.11 -0.22 4.94
C PHE B 188 -10.12 0.44 5.89
N ASP B 189 -8.83 0.07 5.85
CA ASP B 189 -7.75 0.76 6.56
C ASP B 189 -7.33 1.93 5.61
N PRO B 190 -7.49 3.19 6.03
CA PRO B 190 -7.20 4.31 5.13
C PRO B 190 -5.73 4.49 4.81
N ARG B 191 -4.84 3.72 5.46
CA ARG B 191 -3.40 3.79 5.16
C ARG B 191 -2.97 2.91 4.01
N ASN B 192 -3.81 1.93 3.64
CA ASN B 192 -3.37 0.86 2.69
C ASN B 192 -3.60 1.10 1.22
N ASP B 193 -4.38 2.12 0.89
CA ASP B 193 -4.59 2.50 -0.50
C ASP B 193 -5.19 3.90 -0.56
N PHE B 194 -5.37 4.44 -1.75
CA PHE B 194 -6.04 5.73 -1.93
C PHE B 194 -7.55 5.53 -1.92
N HIS B 195 -8.25 6.50 -1.27
CA HIS B 195 -9.72 6.60 -1.21
C HIS B 195 -10.17 8.02 -1.46
N THR B 196 -11.45 8.22 -1.80
CA THR B 196 -11.93 9.51 -2.16
C THR B 196 -12.77 10.13 -1.02
N TYR B 197 -12.48 11.36 -0.63
CA TYR B 197 -13.17 12.02 0.49
C TYR B 197 -13.72 13.30 -0.08
N GLY B 198 -15.03 13.54 0.07
CA GLY B 198 -15.67 14.68 -0.50
C GLY B 198 -16.70 15.34 0.42
N VAL B 199 -17.02 16.56 0.09
CA VAL B 199 -18.14 17.29 0.68
C VAL B 199 -18.86 18.20 -0.29
N ASN B 200 -20.21 18.21 -0.21
CA ASN B 200 -21.01 19.16 -0.95
C ASN B 200 -21.53 20.22 -0.05
N VAL B 201 -21.16 21.44 -0.35
CA VAL B 201 -21.55 22.58 0.49
C VAL B 201 -22.53 23.43 -0.27
N THR B 202 -23.71 23.65 0.31
CA THR B 202 -24.67 24.55 -0.25
C THR B 202 -25.09 25.60 0.81
N LYS B 203 -25.88 26.59 0.41
CA LYS B 203 -26.36 27.56 1.42
C LYS B 203 -27.22 26.89 2.49
N ASP B 204 -27.82 25.76 2.16
CA ASP B 204 -28.75 25.06 3.07
C ASP B 204 -28.16 23.88 3.80
N LYS B 205 -27.29 23.10 3.13
CA LYS B 205 -26.95 21.83 3.69
C LYS B 205 -25.46 21.55 3.40
N ILE B 206 -24.87 20.71 4.25
CA ILE B 206 -23.48 20.19 4.04
C ILE B 206 -23.54 18.70 4.06
N THR B 207 -23.03 18.00 3.03
CA THR B 207 -23.19 16.53 2.91
C THR B 207 -21.80 15.91 2.68
N TRP B 208 -21.39 14.95 3.49
CA TRP B 208 -20.07 14.34 3.36
C TRP B 208 -20.12 12.98 2.69
N TYR B 209 -19.05 12.64 1.99
CA TYR B 209 -18.96 11.42 1.22
C TYR B 209 -17.62 10.72 1.37
N VAL B 210 -17.62 9.40 1.47
CA VAL B 210 -16.38 8.61 1.49
C VAL B 210 -16.53 7.49 0.48
N ASP B 211 -15.66 7.38 -0.52
CA ASP B 211 -15.81 6.44 -1.67
C ASP B 211 -17.26 6.40 -2.26
N GLY B 212 -17.86 7.60 -2.35
CA GLY B 212 -19.21 7.75 -2.86
C GLY B 212 -20.34 7.51 -1.91
N GLU B 213 -20.13 6.99 -0.72
CA GLU B 213 -21.18 6.80 0.31
C GLU B 213 -21.41 8.06 1.10
N ILE B 214 -22.68 8.40 1.36
CA ILE B 214 -23.00 9.53 2.29
C ILE B 214 -22.73 9.15 3.70
N VAL B 215 -21.89 9.90 4.42
CA VAL B 215 -21.48 9.56 5.78
C VAL B 215 -21.98 10.52 6.77
N GLY B 216 -22.54 11.64 6.35
CA GLY B 216 -23.16 12.58 7.25
C GLY B 216 -23.75 13.81 6.56
N GLU B 217 -24.65 14.49 7.27
CA GLU B 217 -25.36 15.62 6.71
C GLU B 217 -25.70 16.56 7.86
N LYS B 218 -25.50 17.84 7.67
CA LYS B 218 -25.79 18.91 8.61
C LYS B 218 -26.41 20.12 7.96
N ASP B 219 -27.25 20.88 8.70
CA ASP B 219 -27.70 22.15 8.14
C ASP B 219 -26.60 23.19 8.14
N ASN B 220 -26.57 24.01 7.09
CA ASN B 220 -25.57 25.07 7.00
C ASN B 220 -25.90 26.34 7.74
N LEU B 221 -25.71 26.28 9.04
CA LEU B 221 -26.01 27.44 9.92
C LEU B 221 -25.00 28.54 9.84
N TYR B 222 -23.72 28.21 9.93
CA TYR B 222 -22.64 29.12 10.24
C TYR B 222 -21.41 29.05 9.31
N TRP B 223 -21.58 28.40 8.19
CA TRP B 223 -20.43 28.08 7.24
C TRP B 223 -20.65 28.77 5.88
N HIS B 224 -20.63 30.11 5.91
CA HIS B 224 -20.84 30.91 4.70
C HIS B 224 -19.69 31.83 4.37
N ARG B 225 -18.68 31.90 5.24
CA ARG B 225 -17.55 32.78 5.09
C ARG B 225 -16.65 32.30 3.91
N GLN B 226 -15.77 33.18 3.48
CA GLN B 226 -14.72 32.83 2.51
C GLN B 226 -13.68 31.92 3.18
N MET B 227 -13.50 30.70 2.64
CA MET B 227 -12.56 29.72 3.26
C MET B 227 -11.51 29.22 2.27
N ASN B 228 -10.27 29.09 2.75
CA ASN B 228 -9.12 28.58 2.00
C ASN B 228 -9.13 27.10 2.10
N LEU B 229 -8.96 26.39 0.98
CA LEU B 229 -8.98 24.96 0.94
C LEU B 229 -7.61 24.38 1.28
N THR B 230 -7.58 23.39 2.18
CA THR B 230 -6.27 22.98 2.84
C THR B 230 -6.13 21.46 2.86
N LEU B 231 -4.91 21.00 2.59
CA LEU B 231 -4.48 19.63 2.84
C LEU B 231 -3.33 19.76 3.88
N SER B 232 -3.35 18.96 4.92
CA SER B 232 -2.27 19.09 5.93
C SER B 232 -2.16 17.88 6.82
N GLN B 233 -1.02 17.71 7.52
CA GLN B 233 -0.86 16.55 8.39
C GLN B 233 -0.51 17.04 9.80
N GLY B 234 -1.39 16.85 10.75
CA GLY B 234 -1.16 17.34 12.13
C GLY B 234 -0.68 16.27 13.06
N LEU B 235 -0.22 16.66 14.23
CA LEU B 235 0.18 15.74 15.31
CA LEU B 235 0.18 15.74 15.34
C LEU B 235 -0.96 15.46 16.28
N ARG B 236 -0.97 14.25 16.84
CA ARG B 236 -2.01 13.83 17.78
C ARG B 236 -1.42 12.97 18.98
N ALA B 237 -2.29 12.56 19.89
CA ALA B 237 -1.83 11.64 20.96
C ALA B 237 -1.13 10.45 20.35
N PRO B 238 0.02 10.04 20.88
CA PRO B 238 0.50 10.37 22.24
C PRO B 238 1.41 11.58 22.31
N HIS B 239 1.55 12.36 21.23
CA HIS B 239 2.46 13.48 21.17
C HIS B 239 1.87 14.81 21.61
N THR B 240 0.57 14.85 21.84
CA THR B 240 -0.16 16.04 22.19
C THR B 240 -1.07 15.80 23.34
N GLN B 241 -1.45 16.86 24.03
CA GLN B 241 -2.57 16.88 24.99
C GLN B 241 -3.45 18.06 24.64
N TRP B 242 -4.74 17.96 24.93
CA TRP B 242 -5.70 19.05 24.65
C TRP B 242 -6.10 19.78 25.89
N LYS B 243 -5.85 21.07 25.95
CA LYS B 243 -6.15 21.90 27.09
C LYS B 243 -6.57 23.25 26.62
N CYS B 244 -7.60 23.87 27.20
CA CYS B 244 -7.99 25.19 26.80
C CYS B 244 -8.12 25.45 25.26
N ASN B 245 -8.75 24.52 24.61
CA ASN B 245 -9.17 24.72 23.20
C ASN B 245 -8.00 24.65 22.20
N GLN B 246 -6.92 23.98 22.60
CA GLN B 246 -5.75 23.87 21.72
C GLN B 246 -4.91 22.63 22.14
N PHE B 247 -3.95 22.25 21.30
CA PHE B 247 -2.94 21.32 21.65
C PHE B 247 -1.78 21.97 22.45
N TYR B 248 -1.22 21.15 23.34
CA TYR B 248 0.08 21.36 23.99
C TYR B 248 0.97 20.12 23.80
N PRO B 249 2.30 20.29 23.87
CA PRO B 249 3.15 19.09 23.82
C PRO B 249 2.93 18.11 24.98
N SER B 250 2.98 16.82 24.74
CA SER B 250 2.95 15.80 25.81
C SER B 250 4.38 15.40 26.18
N ALA B 251 4.48 14.34 27.02
CA ALA B 251 5.79 13.88 27.40
C ALA B 251 6.42 12.99 26.34
N ASN B 252 5.67 12.56 25.34
CA ASN B 252 6.17 11.64 24.34
C ASN B 252 6.69 12.45 23.12
N LYS B 253 8.02 12.49 22.98
CA LYS B 253 8.68 13.14 21.77
C LYS B 253 9.50 12.07 21.03
N SER B 254 8.95 10.87 20.95
CA SER B 254 9.59 9.80 20.20
C SER B 254 9.84 10.07 18.71
N ALA B 255 10.99 9.60 18.23
CA ALA B 255 11.26 9.59 16.78
C ALA B 255 10.76 8.36 16.11
N GLU B 256 10.39 7.33 16.88
CA GLU B 256 9.92 6.10 16.29
C GLU B 256 8.58 6.40 15.55
N GLY B 257 8.52 5.96 14.34
CA GLY B 257 7.40 6.22 13.46
C GLY B 257 7.51 7.47 12.58
N PHE B 258 8.64 8.16 12.64
CA PHE B 258 8.87 9.36 11.87
C PHE B 258 10.17 9.16 11.06
N PRO B 259 10.22 9.64 9.82
CA PRO B 259 9.14 10.41 9.16
C PRO B 259 7.97 9.54 8.73
N THR B 260 6.83 10.17 8.50
CA THR B 260 5.67 9.51 7.99
C THR B 260 4.88 10.49 7.08
N SER B 261 4.17 9.99 6.03
CA SER B 261 3.67 10.89 5.04
C SER B 261 2.32 10.46 4.45
N MET B 262 1.37 11.34 4.42
CA MET B 262 0.16 11.15 3.62
C MET B 262 0.50 11.46 2.16
N GLU B 263 -0.34 10.93 1.25
CA GLU B 263 -0.14 11.19 -0.20
C GLU B 263 -1.50 11.55 -0.81
N VAL B 264 -1.47 12.54 -1.68
CA VAL B 264 -2.72 13.08 -2.30
C VAL B 264 -2.52 13.01 -3.84
N ASP B 265 -3.40 12.24 -4.51
CA ASP B 265 -3.33 12.14 -5.99
C ASP B 265 -3.92 13.36 -6.65
N TYR B 266 -4.99 13.91 -6.09
CA TYR B 266 -5.61 15.10 -6.69
C TYR B 266 -6.51 15.79 -5.67
N VAL B 267 -6.81 17.05 -5.95
CA VAL B 267 -7.86 17.82 -5.25
C VAL B 267 -8.66 18.47 -6.36
N ARG B 268 -10.01 18.36 -6.30
CA ARG B 268 -10.86 18.95 -7.33
C ARG B 268 -12.05 19.68 -6.62
N THR B 269 -12.30 20.89 -7.04
CA THR B 269 -13.38 21.74 -6.53
C THR B 269 -14.26 22.18 -7.71
N TRP B 270 -15.58 22.03 -7.57
CA TRP B 270 -16.50 22.50 -8.60
C TRP B 270 -17.64 23.33 -8.03
N VAL B 271 -18.23 24.21 -8.85
CA VAL B 271 -19.40 25.03 -8.46
C VAL B 271 -20.49 24.69 -9.52
N LYS B 272 -21.70 24.46 -9.03
CA LYS B 272 -22.90 24.17 -9.90
C LYS B 272 -23.45 25.45 -10.43
N VAL B 273 -23.59 25.51 -11.77
CA VAL B 273 -24.03 26.75 -12.47
C VAL B 273 -25.01 26.35 -13.58
N GLY B 274 -25.96 25.52 -13.24
CA GLY B 274 -27.05 25.24 -14.22
C GLY B 274 -27.65 23.87 -14.04
N ASN B 275 -28.95 23.71 -14.37
CA ASN B 275 -29.56 22.39 -14.43
C ASN B 275 -30.65 22.40 -15.52
N ASN B 276 -30.49 21.59 -16.55
CA ASN B 276 -31.44 21.44 -17.62
C ASN B 276 -32.14 20.09 -17.42
N ASN B 277 -33.38 19.98 -17.86
CA ASN B 277 -34.12 18.75 -17.67
C ASN B 277 -33.94 17.82 -18.85
N LEU B 278 -32.71 17.33 -19.03
CA LEU B 278 -32.33 16.53 -20.23
C LEU B 278 -32.98 15.13 -20.20
N GLU B 279 -33.37 14.58 -19.04
CA GLU B 279 -34.11 13.31 -19.04
C GLU B 279 -35.50 13.49 -19.65
N HIS B 280 -36.03 14.71 -19.77
CA HIS B 280 -37.29 14.97 -20.36
C HIS B 280 -37.19 15.43 -21.82
N HIS B 281 -36.18 16.26 -22.08
CA HIS B 281 -36.05 16.99 -23.38
C HIS B 281 -34.59 17.08 -23.78
N HIS B 282 -34.30 16.57 -24.98
CA HIS B 282 -32.95 16.78 -25.60
C HIS B 282 -32.99 16.53 -27.11
C1 G4S C . 10.28 -22.00 -0.71
C2 G4S C . 11.30 -21.02 -0.16
C3 G4S C . 11.71 -19.92 -1.16
C4 G4S C . 12.03 -20.60 -2.50
C5 G4S C . 10.82 -21.44 -2.97
C6 G4S C . 10.89 -22.01 -4.36
O1 G4S C . 10.29 -23.18 0.15
O2 G4S C . 10.70 -20.31 0.98
O4 G4S C . 13.09 -21.54 -2.20
O5 G4S C . 10.65 -22.53 -2.03
O6 G4S C . 11.76 -23.15 -4.44
S G4S C . 14.65 -21.41 -2.78
O7 G4S C . 14.62 -20.59 -4.02
O8 G4S C . 15.42 -20.75 -1.64
O9 G4S C . 14.99 -22.82 -3.07
C2 9RN C . 14.22 -17.31 -0.57
C4 9RN C . 13.82 -16.10 1.57
C5 9RN C . 12.36 -16.25 1.26
C6 9RN C . 12.18 -15.15 0.23
O5 9RN C . 12.16 -17.58 0.66
O3 9RN C . 13.43 -15.07 -0.45
C3 9RN C . 14.35 -15.99 0.15
O2 9RN C . 15.19 -18.26 0.02
C1 9RN C . 12.81 -17.85 -0.56
O1 9RN C . 12.83 -19.26 -0.64
C1 G4S C . 15.10 -15.11 3.33
C2 G4S C . 15.16 -13.91 4.19
C3 G4S C . 16.22 -14.14 5.33
C4 G4S C . 15.71 -15.36 6.15
C5 G4S C . 15.57 -16.56 5.20
C6 G4S C . 15.10 -17.89 5.86
O1 G4S C . 14.03 -14.99 2.36
O2 G4S C . 15.66 -12.80 3.36
O4 G4S C . 14.43 -15.09 6.72
O5 G4S C . 14.57 -16.17 4.21
O6 G4S C . 15.19 -18.88 4.77
S G4S C . 14.26 -15.24 8.43
O7 G4S C . 13.00 -14.52 8.71
O8 G4S C . 15.53 -14.65 8.94
O9 G4S C . 14.31 -16.74 8.67
C2 9RN C . 17.89 -12.08 7.44
C4 9RN C . 17.83 -9.62 7.25
C5 9RN C . 17.53 -9.77 5.79
C6 9RN C . 18.82 -10.16 5.13
O4 9RN C . 18.64 -8.49 7.54
O5 9RN C . 16.60 -10.91 5.76
O3 9RN C . 19.55 -10.79 6.22
C3 9RN C . 18.74 -10.80 7.42
O2 9RN C . 17.03 -12.28 8.61
C1 9RN C . 17.14 -12.19 6.14
O1 9RN C . 16.06 -13.15 6.26
C1 G4S D . -9.86 21.17 13.37
C2 G4S D . -9.06 22.42 13.85
C3 G4S D . -8.08 23.00 12.82
C4 G4S D . -7.31 21.90 12.09
C5 G4S D . -8.32 20.90 11.49
C6 G4S D . -7.75 19.81 10.63
O1 G4S D . -10.24 20.39 14.48
O2 G4S D . -9.97 23.41 14.35
O4 G4S D . -6.59 21.20 13.18
O5 G4S D . -9.01 20.28 12.61
O6 G4S D . -7.09 18.77 11.38
S G4S D . -4.94 21.16 13.30
O7 G4S D . -4.44 21.45 11.99
O8 G4S D . -4.68 22.21 14.27
O9 G4S D . -4.72 19.77 13.83
C2 9RN D . -5.78 25.82 13.54
C4 9RN D . -6.98 27.68 14.65
C5 9RN D . -8.12 27.36 13.75
C6 9RN D . -7.62 27.98 12.47
O5 9RN D . -8.24 25.91 13.72
O3 9RN D . -6.17 27.83 12.44
C3 9RN D . -5.82 27.30 13.72
O2 9RN D . -5.32 25.22 14.81
C1 9RN D . -7.13 25.25 13.12
O1 9RN D . -7.22 23.86 13.50
C1 G4S D . -6.37 29.36 16.27
C2 G4S D . -6.46 30.82 16.51
C3 G4S D . -5.92 31.19 17.89
C4 G4S D . -6.77 30.50 18.90
C5 G4S D . -6.75 28.97 18.57
C6 G4S D . -7.59 28.05 19.42
O1 G4S D . -6.95 29.01 15.01
O2 G4S D . -5.59 31.44 15.51
O4 G4S D . -8.13 30.97 18.76
O5 G4S D . -7.24 28.78 17.23
O6 G4S D . -7.24 26.64 19.16
S G4S D . -8.83 31.63 20.12
O7 G4S D . -10.07 32.14 19.54
O8 G4S D . -7.88 32.64 20.39
O9 G4S D . -9.07 30.44 20.97
C2 9RN D . -4.55 34.17 19.12
C4 9RN D . -3.90 35.86 17.57
C5 9RN D . -3.63 34.81 16.55
C6 9RN D . -2.27 34.28 16.94
O4 9RN D . -3.04 37.02 17.39
O5 9RN D . -4.75 33.90 16.79
O3 9RN D . -2.27 34.52 18.38
C3 9RN D . -3.46 35.19 18.79
O2 9RN D . -5.76 34.75 19.48
C1 9RN D . -4.72 33.18 17.99
O1 9RN D . -6.00 32.54 18.08
C1 CIT E . -3.32 -2.01 -13.57
O1 CIT E . -2.78 -1.27 -12.69
O2 CIT E . -4.39 -1.71 -14.13
C2 CIT E . -2.73 -3.39 -13.88
C3 CIT E . -1.71 -3.66 -15.02
O7 CIT E . -2.77 -3.72 -16.05
C4 CIT E . -1.32 -5.12 -15.29
C5 CIT E . -0.61 -5.70 -16.51
O3 CIT E . -1.03 -5.50 -17.68
O4 CIT E . 0.29 -6.51 -16.25
C6 CIT E . -0.96 -2.59 -15.72
O5 CIT E . -1.13 -2.29 -16.92
O6 CIT E . -0.11 -2.08 -14.95
C1 CIT F . -14.78 33.69 -10.57
O1 CIT F . -14.32 33.94 -11.72
O2 CIT F . -15.67 34.37 -9.92
C2 CIT F . -14.18 32.45 -9.92
C3 CIT F . -12.82 31.94 -10.34
O7 CIT F . -13.33 31.23 -11.56
C4 CIT F . -12.48 30.64 -9.65
C5 CIT F . -11.47 29.64 -10.25
O3 CIT F . -11.13 29.44 -11.45
O4 CIT F . -10.91 28.97 -9.38
C6 CIT F . -11.72 32.69 -11.07
O5 CIT F . -11.17 33.45 -10.25
O6 CIT F . -11.34 32.56 -12.27
#